data_1WEI
#
_entry.id   1WEI
#
_cell.length_a   82.502
_cell.length_b   49.325
_cell.length_c   69.609
_cell.angle_alpha   90.00
_cell.angle_beta   122.59
_cell.angle_gamma   90.00
#
_symmetry.space_group_name_H-M   'C 1 2 1'
#
loop_
_entity.id
_entity.type
_entity.pdbx_description
1 polymer 'A/G-specific adenine glycosylase'
2 non-polymer ADENINE
3 non-polymer 1,2-ETHANEDIOL
4 non-polymer 'IRON/SULFUR CLUSTER'
5 water water
#
_entity_poly.entity_id   1
_entity_poly.type   'polypeptide(L)'
_entity_poly.pdbx_seq_one_letter_code
;MQASQFSAQVLDWYDKYGRATLPWQIDKTPYKVWLSEVMLQQTQVATVIPYFERFMARFPTVTDLANAPLDEVLHLWTGL
GYYARARNLHKAAQQVATLHGGKFPETFEEVAALPGVGRSTAGAILSLSLGKHFPILDGNVKRVLARCYAVSGWPGKKEV
ENKLWSLSEQVTPAVGVERFNQAMMDLGAMICTRSKPKCSLCPLQNGCIAAANNSWALYPGKKPK
;
_entity_poly.pdbx_strand_id   A
#
loop_
_chem_comp.id
_chem_comp.type
_chem_comp.name
_chem_comp.formula
ADE non-polymer ADENINE 'C5 H5 N5'
EDO non-polymer 1,2-ETHANEDIOL 'C2 H6 O2'
SF4 non-polymer 'IRON/SULFUR CLUSTER' 'Fe4 S4'
#
# COMPACT_ATOMS: atom_id res chain seq x y z
N MET A 1 -20.05 -10.12 4.94
CA MET A 1 -19.34 -10.82 6.05
C MET A 1 -19.06 -9.87 7.20
N GLN A 2 -19.36 -10.31 8.42
CA GLN A 2 -19.13 -9.49 9.60
C GLN A 2 -17.69 -9.00 9.63
N ALA A 3 -17.51 -7.72 9.95
CA ALA A 3 -16.19 -7.10 10.00
C ALA A 3 -15.22 -7.87 10.88
N SER A 4 -15.65 -8.24 12.08
CA SER A 4 -14.80 -8.95 13.01
C SER A 4 -14.32 -10.28 12.43
N GLN A 5 -15.18 -10.93 11.66
CA GLN A 5 -14.81 -12.21 11.04
C GLN A 5 -13.86 -11.97 9.88
N PHE A 6 -14.08 -10.88 9.16
CA PHE A 6 -13.24 -10.51 8.02
C PHE A 6 -11.78 -10.36 8.46
N SER A 7 -11.55 -9.49 9.44
CA SER A 7 -10.19 -9.27 9.91
C SER A 7 -9.58 -10.53 10.53
N ALA A 8 -10.38 -11.28 11.29
CA ALA A 8 -9.88 -12.50 11.93
C ALA A 8 -9.43 -13.52 10.90
N GLN A 9 -10.23 -13.71 9.85
CA GLN A 9 -9.89 -14.68 8.81
C GLN A 9 -8.67 -14.27 8.02
N VAL A 10 -8.55 -12.98 7.71
CA VAL A 10 -7.40 -12.49 6.96
C VAL A 10 -6.12 -12.63 7.78
N LEU A 11 -6.19 -12.33 9.08
CA LEU A 11 -5.01 -12.45 9.93
C LEU A 11 -4.57 -13.91 10.09
N ASP A 12 -5.53 -14.82 10.26
CA ASP A 12 -5.19 -16.24 10.41
C ASP A 12 -4.53 -16.74 9.14
N TRP A 13 -5.01 -16.26 8.00
CA TRP A 13 -4.46 -16.64 6.71
C TRP A 13 -3.02 -16.12 6.60
N TYR A 14 -2.82 -14.86 6.95
CA TYR A 14 -1.50 -14.25 6.87
C TYR A 14 -0.46 -14.98 7.72
N ASP A 15 -0.88 -15.44 8.89
CA ASP A 15 0.02 -16.15 9.79
C ASP A 15 0.57 -17.46 9.23
N LYS A 16 -0.13 -18.02 8.24
CA LYS A 16 0.29 -19.28 7.65
C LYS A 16 0.87 -19.15 6.25
N TYR A 17 0.47 -18.13 5.51
CA TYR A 17 0.95 -17.92 4.15
C TYR A 17 1.51 -16.52 3.98
N GLY A 18 1.40 -15.72 5.03
CA GLY A 18 1.88 -14.35 4.99
C GLY A 18 3.38 -14.25 4.87
N ARG A 19 3.88 -14.40 3.65
CA ARG A 19 5.31 -14.32 3.37
C ARG A 19 5.77 -12.86 3.46
N ALA A 20 6.28 -12.47 4.62
CA ALA A 20 6.76 -11.11 4.85
C ALA A 20 8.27 -11.13 4.96
N THR A 21 8.94 -11.50 3.87
CA THR A 21 10.40 -11.57 3.87
C THR A 21 11.06 -10.59 2.91
N LEU A 22 10.27 -9.73 2.28
CA LEU A 22 10.82 -8.75 1.35
C LEU A 22 11.66 -7.73 2.14
N PRO A 23 12.66 -7.11 1.48
CA PRO A 23 13.55 -6.13 2.11
C PRO A 23 12.85 -5.05 2.94
N TRP A 24 11.79 -4.48 2.40
CA TRP A 24 11.06 -3.43 3.09
C TRP A 24 10.12 -3.92 4.19
N GLN A 25 10.14 -5.23 4.44
CA GLN A 25 9.30 -5.81 5.48
C GLN A 25 10.13 -6.21 6.68
N ILE A 26 11.44 -6.07 6.56
CA ILE A 26 12.38 -6.43 7.63
C ILE A 26 13.00 -5.16 8.23
N ASP A 27 13.01 -5.08 9.56
CA ASP A 27 13.56 -3.92 10.25
C ASP A 27 12.91 -2.68 9.66
N LYS A 28 11.59 -2.70 9.60
CA LYS A 28 10.82 -1.60 9.04
C LYS A 28 10.98 -0.28 9.75
N THR A 29 11.00 0.79 8.96
CA THR A 29 11.07 2.16 9.45
C THR A 29 10.18 2.94 8.50
N PRO A 30 9.66 4.10 8.92
CA PRO A 30 8.80 4.89 8.02
C PRO A 30 9.49 5.20 6.70
N TYR A 31 10.78 5.49 6.76
CA TYR A 31 11.55 5.80 5.55
C TYR A 31 11.53 4.64 4.56
N LYS A 32 11.90 3.46 5.03
CA LYS A 32 11.92 2.29 4.16
C LYS A 32 10.55 1.92 3.60
N VAL A 33 9.51 2.02 4.42
CA VAL A 33 8.18 1.69 3.93
C VAL A 33 7.73 2.72 2.89
N TRP A 34 7.98 3.99 3.15
CA TRP A 34 7.61 5.06 2.23
C TRP A 34 8.29 4.83 0.88
N LEU A 35 9.60 4.60 0.91
CA LEU A 35 10.36 4.38 -0.31
C LEU A 35 9.78 3.21 -1.10
N SER A 36 9.53 2.08 -0.42
CA SER A 36 9.00 0.91 -1.10
C SER A 36 7.59 1.12 -1.66
N GLU A 37 6.75 1.82 -0.92
CA GLU A 37 5.39 2.08 -1.38
C GLU A 37 5.41 2.91 -2.64
N VAL A 38 6.28 3.92 -2.69
CA VAL A 38 6.36 4.76 -3.87
C VAL A 38 6.83 3.95 -5.07
N MET A 39 7.85 3.11 -4.87
CA MET A 39 8.35 2.29 -5.97
C MET A 39 7.31 1.28 -6.43
N LEU A 40 6.54 0.74 -5.48
CA LEU A 40 5.53 -0.26 -5.79
C LEU A 40 4.22 0.28 -6.36
N GLN A 41 4.03 1.60 -6.31
CA GLN A 41 2.80 2.20 -6.81
C GLN A 41 2.44 1.81 -8.23
N GLN A 42 3.43 1.77 -9.11
CA GLN A 42 3.17 1.43 -10.50
C GLN A 42 4.18 0.45 -11.09
N THR A 43 4.89 -0.25 -10.23
CA THR A 43 5.89 -1.22 -10.68
C THR A 43 5.77 -2.55 -9.93
N GLN A 44 5.98 -3.65 -10.64
CA GLN A 44 5.89 -4.97 -10.04
C GLN A 44 7.00 -5.22 -9.01
N VAL A 45 6.69 -6.00 -7.99
CA VAL A 45 7.62 -6.32 -6.91
C VAL A 45 8.97 -6.88 -7.38
N ALA A 46 8.95 -7.84 -8.30
CA ALA A 46 10.18 -8.44 -8.78
C ALA A 46 11.13 -7.40 -9.35
N THR A 47 10.58 -6.44 -10.09
CA THR A 47 11.38 -5.39 -10.70
C THR A 47 11.91 -4.40 -9.66
N VAL A 48 11.10 -4.12 -8.66
CA VAL A 48 11.45 -3.17 -7.60
C VAL A 48 12.57 -3.58 -6.64
N ILE A 49 12.62 -4.86 -6.28
CA ILE A 49 13.62 -5.34 -5.32
C ILE A 49 15.05 -4.82 -5.51
N PRO A 50 15.65 -4.99 -6.71
CA PRO A 50 17.02 -4.49 -6.89
C PRO A 50 17.14 -2.98 -6.71
N TYR A 51 16.14 -2.23 -7.14
CA TYR A 51 16.18 -0.77 -7.00
C TYR A 51 16.06 -0.38 -5.54
N PHE A 52 15.19 -1.05 -4.80
CA PHE A 52 15.03 -0.74 -3.39
C PHE A 52 16.36 -0.96 -2.67
N GLU A 53 17.01 -2.06 -2.97
CA GLU A 53 18.29 -2.36 -2.34
C GLU A 53 19.34 -1.33 -2.73
N ARG A 54 19.36 -0.95 -4.01
CA ARG A 54 20.33 0.04 -4.47
C ARG A 54 20.09 1.39 -3.81
N PHE A 55 18.83 1.78 -3.68
CA PHE A 55 18.50 3.07 -3.06
C PHE A 55 18.86 3.11 -1.58
N MET A 56 18.58 2.02 -0.87
CA MET A 56 18.90 1.98 0.56
C MET A 56 20.41 1.98 0.79
N ALA A 57 21.16 1.41 -0.16
CA ALA A 57 22.62 1.37 -0.02
C ALA A 57 23.20 2.77 -0.27
N ARG A 58 22.70 3.45 -1.29
CA ARG A 58 23.17 4.79 -1.61
C ARG A 58 22.62 5.84 -0.65
N PHE A 59 21.37 5.67 -0.23
CA PHE A 59 20.73 6.62 0.66
C PHE A 59 20.24 5.91 1.93
N PRO A 60 21.15 5.66 2.88
CA PRO A 60 20.77 4.98 4.13
C PRO A 60 19.71 5.69 4.94
N THR A 61 19.65 7.02 4.81
CA THR A 61 18.66 7.82 5.53
C THR A 61 18.00 8.81 4.59
N VAL A 62 16.87 9.36 5.01
CA VAL A 62 16.13 10.32 4.20
C VAL A 62 16.95 11.60 3.95
N THR A 63 17.82 11.96 4.89
CA THR A 63 18.64 13.15 4.70
C THR A 63 19.65 12.94 3.57
N ASP A 64 20.14 11.72 3.43
CA ASP A 64 21.10 11.44 2.37
C ASP A 64 20.41 11.57 1.02
N LEU A 65 19.14 11.18 0.96
CA LEU A 65 18.37 11.29 -0.27
C LEU A 65 18.07 12.75 -0.56
N ALA A 66 17.72 13.49 0.48
CA ALA A 66 17.40 14.91 0.35
C ALA A 66 18.59 15.71 -0.18
N ASN A 67 19.77 15.43 0.34
CA ASN A 67 20.97 16.15 -0.07
C ASN A 67 21.56 15.75 -1.41
N ALA A 68 21.15 14.62 -1.94
CA ALA A 68 21.69 14.17 -3.22
C ALA A 68 21.11 14.99 -4.39
N PRO A 69 21.89 15.11 -5.47
CA PRO A 69 21.42 15.87 -6.64
C PRO A 69 20.23 15.14 -7.24
N LEU A 70 19.27 15.87 -7.77
CA LEU A 70 18.10 15.24 -8.37
C LEU A 70 18.50 14.36 -9.54
N ASP A 71 19.47 14.83 -10.32
CA ASP A 71 19.95 14.06 -11.47
C ASP A 71 20.42 12.67 -11.08
N GLU A 72 21.03 12.55 -9.90
CA GLU A 72 21.50 11.25 -9.44
C GLU A 72 20.31 10.36 -9.09
N VAL A 73 19.30 10.96 -8.46
CA VAL A 73 18.10 10.22 -8.08
C VAL A 73 17.40 9.68 -9.32
N LEU A 74 17.26 10.53 -10.34
CA LEU A 74 16.61 10.13 -11.58
C LEU A 74 17.42 9.05 -12.29
N HIS A 75 18.74 9.15 -12.23
CA HIS A 75 19.60 8.15 -12.86
C HIS A 75 19.41 6.79 -12.21
N LEU A 76 19.34 6.76 -10.88
CA LEU A 76 19.16 5.49 -10.16
C LEU A 76 17.75 4.93 -10.36
N TRP A 77 16.81 5.82 -10.67
CA TRP A 77 15.42 5.42 -10.87
C TRP A 77 15.22 4.81 -12.25
N THR A 78 16.13 5.10 -13.17
CA THR A 78 16.05 4.61 -14.54
C THR A 78 15.65 3.15 -14.63
N GLY A 79 14.52 2.89 -15.29
CA GLY A 79 14.03 1.53 -15.44
C GLY A 79 12.75 1.27 -14.68
N LEU A 80 12.43 2.14 -13.72
CA LEU A 80 11.22 1.97 -12.92
C LEU A 80 10.00 2.62 -13.56
N GLY A 81 10.24 3.51 -14.52
CA GLY A 81 9.16 4.20 -15.18
C GLY A 81 8.43 5.17 -14.26
N TYR A 82 7.51 5.94 -14.84
CA TYR A 82 6.71 6.91 -14.09
C TYR A 82 7.56 7.76 -13.16
N TYR A 83 8.46 8.53 -13.77
CA TYR A 83 9.40 9.39 -13.06
C TYR A 83 8.81 10.50 -12.19
N ALA A 84 7.54 10.83 -12.36
CA ALA A 84 6.95 11.87 -11.52
C ALA A 84 7.12 11.42 -10.07
N ARG A 85 7.08 10.10 -9.85
CA ARG A 85 7.24 9.53 -8.52
C ARG A 85 8.61 9.85 -7.94
N ALA A 86 9.64 9.82 -8.80
CA ALA A 86 11.00 10.09 -8.37
C ALA A 86 11.17 11.55 -8.01
N ARG A 87 10.59 12.42 -8.82
CA ARG A 87 10.68 13.86 -8.58
C ARG A 87 9.96 14.18 -7.28
N ASN A 88 8.80 13.60 -7.05
CA ASN A 88 8.08 13.84 -5.80
C ASN A 88 8.82 13.21 -4.63
N LEU A 89 9.46 12.07 -4.88
CA LEU A 89 10.22 11.38 -3.84
C LEU A 89 11.30 12.32 -3.31
N HIS A 90 12.04 12.93 -4.22
CA HIS A 90 13.11 13.84 -3.83
C HIS A 90 12.59 15.07 -3.10
N LYS A 91 11.47 15.62 -3.58
CA LYS A 91 10.87 16.80 -2.92
C LYS A 91 10.42 16.44 -1.50
N ALA A 92 9.83 15.26 -1.35
CA ALA A 92 9.37 14.82 -0.04
C ALA A 92 10.54 14.65 0.91
N ALA A 93 11.64 14.09 0.39
CA ALA A 93 12.83 13.90 1.20
C ALA A 93 13.34 15.26 1.67
N GLN A 94 13.34 16.25 0.77
CA GLN A 94 13.80 17.59 1.13
C GLN A 94 12.85 18.23 2.13
N GLN A 95 11.55 17.95 2.01
CA GLN A 95 10.58 18.51 2.95
C GLN A 95 10.83 17.92 4.34
N VAL A 96 11.14 16.63 4.41
CA VAL A 96 11.42 15.99 5.69
C VAL A 96 12.69 16.56 6.32
N ALA A 97 13.69 16.82 5.50
CA ALA A 97 14.94 17.37 6.00
C ALA A 97 14.71 18.80 6.49
N THR A 98 13.93 19.55 5.73
CA THR A 98 13.66 20.95 6.05
C THR A 98 12.69 21.19 7.20
N LEU A 99 11.52 20.56 7.16
CA LEU A 99 10.50 20.76 8.19
C LEU A 99 10.59 19.84 9.40
N HIS A 100 11.14 18.64 9.23
CA HIS A 100 11.20 17.69 10.33
C HIS A 100 12.59 17.29 10.81
N GLY A 101 13.58 18.15 10.56
CA GLY A 101 14.94 17.89 10.99
C GLY A 101 15.52 16.55 10.57
N GLY A 102 15.08 16.03 9.43
CA GLY A 102 15.61 14.77 8.96
C GLY A 102 14.98 13.53 9.55
N LYS A 103 13.99 13.71 10.42
CA LYS A 103 13.32 12.56 11.03
C LYS A 103 12.02 12.37 10.27
N PHE A 104 11.88 11.27 9.56
CA PHE A 104 10.66 11.02 8.81
C PHE A 104 9.49 11.14 9.77
N PRO A 105 8.49 11.96 9.43
CA PRO A 105 7.32 12.15 10.30
C PRO A 105 6.55 10.88 10.64
N GLU A 106 6.05 10.82 11.88
CA GLU A 106 5.32 9.66 12.35
C GLU A 106 3.85 9.97 12.65
N THR A 107 3.42 11.16 12.23
CA THR A 107 2.05 11.60 12.42
C THR A 107 1.39 11.66 11.05
N PHE A 108 0.12 11.25 10.99
CA PHE A 108 -0.62 11.20 9.73
C PHE A 108 -0.63 12.46 8.87
N GLU A 109 -1.02 13.59 9.45
CA GLU A 109 -1.07 14.84 8.68
C GLU A 109 0.26 15.24 8.05
N GLU A 110 1.34 15.05 8.79
CA GLU A 110 2.66 15.43 8.30
C GLU A 110 3.11 14.49 7.17
N VAL A 111 2.72 13.22 7.27
CA VAL A 111 3.09 12.26 6.24
C VAL A 111 2.26 12.54 4.99
N ALA A 112 0.94 12.69 5.17
CA ALA A 112 0.07 12.95 4.05
C ALA A 112 0.39 14.28 3.35
N ALA A 113 1.02 15.20 4.06
CA ALA A 113 1.38 16.49 3.48
C ALA A 113 2.56 16.39 2.53
N LEU A 114 3.25 15.26 2.54
CA LEU A 114 4.41 15.08 1.66
C LEU A 114 3.98 14.92 0.20
N PRO A 115 4.78 15.46 -0.73
CA PRO A 115 4.46 15.36 -2.16
C PRO A 115 4.49 13.89 -2.56
N GLY A 116 3.53 13.46 -3.38
CA GLY A 116 3.51 12.07 -3.82
C GLY A 116 2.92 11.06 -2.85
N VAL A 117 2.44 11.54 -1.70
CA VAL A 117 1.84 10.67 -0.69
C VAL A 117 0.40 11.07 -0.40
N GLY A 118 -0.52 10.14 -0.62
CA GLY A 118 -1.93 10.42 -0.37
C GLY A 118 -2.41 9.77 0.92
N ARG A 119 -3.73 9.76 1.09
CA ARG A 119 -4.35 9.19 2.29
C ARG A 119 -4.01 7.71 2.50
N SER A 120 -4.05 6.93 1.42
CA SER A 120 -3.76 5.51 1.51
C SER A 120 -2.28 5.25 1.76
N THR A 121 -1.41 5.92 1.01
CA THR A 121 0.01 5.71 1.20
C THR A 121 0.46 6.15 2.60
N ALA A 122 -0.10 7.24 3.11
CA ALA A 122 0.25 7.71 4.44
C ALA A 122 -0.19 6.66 5.45
N GLY A 123 -1.38 6.11 5.24
CA GLY A 123 -1.89 5.09 6.14
C GLY A 123 -1.01 3.84 6.11
N ALA A 124 -0.50 3.51 4.92
CA ALA A 124 0.35 2.34 4.77
C ALA A 124 1.70 2.54 5.46
N ILE A 125 2.30 3.71 5.27
CA ILE A 125 3.59 4.02 5.89
C ILE A 125 3.52 3.88 7.41
N LEU A 126 2.53 4.52 8.01
CA LEU A 126 2.40 4.47 9.47
C LEU A 126 1.89 3.17 10.07
N SER A 127 0.98 2.49 9.37
CA SER A 127 0.46 1.23 9.89
C SER A 127 1.52 0.12 9.81
N LEU A 128 2.20 0.03 8.67
CA LEU A 128 3.21 -1.01 8.47
C LEU A 128 4.51 -0.80 9.25
N SER A 129 4.95 0.44 9.38
CA SER A 129 6.20 0.70 10.10
C SER A 129 6.07 0.91 11.61
N LEU A 130 4.93 1.45 12.05
CA LEU A 130 4.75 1.72 13.47
C LEU A 130 3.53 1.06 14.09
N GLY A 131 2.72 0.40 13.28
CA GLY A 131 1.53 -0.24 13.82
C GLY A 131 0.44 0.75 14.16
N LYS A 132 0.46 1.94 13.55
CA LYS A 132 -0.58 2.91 13.83
C LYS A 132 -1.87 2.47 13.16
N HIS A 133 -2.98 2.81 13.80
CA HIS A 133 -4.31 2.39 13.37
C HIS A 133 -4.94 3.09 12.19
N PHE A 134 -4.44 2.79 11.00
CA PHE A 134 -4.93 3.39 9.76
C PHE A 134 -5.25 2.34 8.71
N PRO A 135 -6.33 2.54 7.95
CA PRO A 135 -6.72 1.59 6.90
C PRO A 135 -6.10 2.04 5.58
N ILE A 136 -6.05 1.16 4.60
CA ILE A 136 -5.50 1.51 3.31
C ILE A 136 -6.53 1.24 2.21
N LEU A 137 -6.29 1.78 1.03
CA LEU A 137 -7.22 1.59 -0.08
C LEU A 137 -6.54 1.79 -1.42
N ASP A 138 -5.71 0.83 -1.82
CA ASP A 138 -5.05 0.92 -3.12
C ASP A 138 -5.84 0.04 -4.08
N GLY A 139 -5.31 -0.14 -5.29
CA GLY A 139 -6.00 -0.95 -6.29
C GLY A 139 -6.30 -2.36 -5.83
N ASN A 140 -5.33 -2.98 -5.14
CA ASN A 140 -5.49 -4.35 -4.64
C ASN A 140 -6.64 -4.42 -3.63
N VAL A 141 -6.63 -3.51 -2.68
CA VAL A 141 -7.65 -3.48 -1.63
C VAL A 141 -9.05 -3.18 -2.19
N LYS A 142 -9.14 -2.23 -3.10
CA LYS A 142 -10.43 -1.87 -3.70
C LYS A 142 -11.07 -3.10 -4.32
N ARG A 143 -10.26 -3.89 -5.03
CA ARG A 143 -10.74 -5.11 -5.69
C ARG A 143 -11.34 -6.08 -4.68
N VAL A 144 -10.58 -6.38 -3.63
CA VAL A 144 -11.04 -7.31 -2.61
C VAL A 144 -12.33 -6.87 -1.92
N LEU A 145 -12.36 -5.62 -1.46
CA LEU A 145 -13.53 -5.11 -0.78
C LEU A 145 -14.74 -5.00 -1.71
N ALA A 146 -14.51 -4.55 -2.93
CA ALA A 146 -15.60 -4.41 -3.90
C ALA A 146 -16.22 -5.76 -4.24
N ARG A 147 -15.40 -6.80 -4.32
CA ARG A 147 -15.93 -8.11 -4.64
C ARG A 147 -16.62 -8.75 -3.43
N TYR A 149 -17.96 -7.30 -0.81
CA TYR A 149 -19.17 -6.59 -0.45
C TYR A 149 -20.03 -6.10 -1.61
N ALA A 150 -19.74 -6.57 -2.81
CA ALA A 150 -20.50 -6.23 -4.01
C ALA A 150 -20.67 -4.74 -4.30
N VAL A 151 -19.57 -4.01 -4.37
CA VAL A 151 -19.62 -2.60 -4.69
C VAL A 151 -19.36 -2.54 -6.19
N SER A 152 -20.43 -2.36 -6.95
CA SER A 152 -20.36 -2.34 -8.42
C SER A 152 -20.14 -1.00 -9.09
N GLY A 153 -20.13 0.08 -8.32
CA GLY A 153 -19.91 1.40 -8.90
C GLY A 153 -18.45 1.60 -9.27
N TRP A 154 -18.18 2.62 -10.09
CA TRP A 154 -16.81 2.92 -10.50
C TRP A 154 -16.15 3.72 -9.38
N PRO A 155 -15.04 3.23 -8.83
CA PRO A 155 -14.34 3.94 -7.75
C PRO A 155 -13.97 5.37 -8.11
N GLY A 156 -14.03 5.70 -9.40
CA GLY A 156 -13.72 7.04 -9.85
C GLY A 156 -14.75 8.02 -9.35
N LYS A 157 -15.93 7.51 -9.00
CA LYS A 157 -17.02 8.33 -8.49
C LYS A 157 -16.84 8.54 -6.99
N LYS A 158 -16.87 9.80 -6.56
CA LYS A 158 -16.71 10.17 -5.15
C LYS A 158 -17.51 9.33 -4.15
N GLU A 159 -18.80 9.12 -4.44
CA GLU A 159 -19.64 8.34 -3.55
C GLU A 159 -19.20 6.88 -3.42
N VAL A 160 -18.68 6.31 -4.51
CA VAL A 160 -18.22 4.93 -4.48
C VAL A 160 -16.91 4.85 -3.72
N GLU A 161 -16.03 5.83 -3.96
CA GLU A 161 -14.75 5.88 -3.26
C GLU A 161 -14.99 5.98 -1.75
N ASN A 162 -15.93 6.83 -1.35
CA ASN A 162 -16.23 7.01 0.05
C ASN A 162 -16.78 5.72 0.65
N LYS A 163 -17.59 5.01 -0.14
CA LYS A 163 -18.16 3.74 0.30
C LYS A 163 -17.04 2.73 0.56
N LEU A 164 -16.08 2.68 -0.36
CA LEU A 164 -14.95 1.76 -0.22
C LEU A 164 -14.07 2.12 0.97
N TRP A 165 -13.87 3.41 1.21
CA TRP A 165 -13.06 3.84 2.35
C TRP A 165 -13.76 3.44 3.64
N LEU A 167 -15.81 0.84 4.06
CA LEU A 167 -15.66 -0.60 4.20
C LEU A 167 -14.25 -0.93 4.71
N SER A 168 -13.25 -0.26 4.16
CA SER A 168 -11.89 -0.51 4.60
C SER A 168 -11.75 -0.17 6.09
N GLU A 169 -12.29 0.96 6.49
CA GLU A 169 -12.20 1.34 7.89
C GLU A 169 -12.92 0.31 8.77
N GLN A 170 -14.10 -0.13 8.33
CA GLN A 170 -14.87 -1.10 9.11
C GLN A 170 -14.20 -2.44 9.35
N VAL A 171 -13.44 -2.93 8.38
CA VAL A 171 -12.78 -4.23 8.55
C VAL A 171 -11.36 -4.19 9.07
N THR A 172 -10.78 -2.98 9.12
CA THR A 172 -9.40 -2.85 9.58
C THR A 172 -9.31 -2.74 11.09
N PRO A 173 -8.59 -3.67 11.74
CA PRO A 173 -8.45 -3.65 13.20
C PRO A 173 -7.25 -2.80 13.62
N ALA A 174 -7.19 -2.48 14.91
CA ALA A 174 -6.06 -1.72 15.45
C ALA A 174 -5.03 -2.79 15.84
N VAL A 175 -5.50 -3.80 16.56
CA VAL A 175 -4.64 -4.92 16.97
C VAL A 175 -4.28 -5.71 15.70
N GLY A 176 -2.99 -5.80 15.41
CA GLY A 176 -2.52 -6.53 14.24
C GLY A 176 -2.69 -5.79 12.91
N VAL A 177 -2.85 -4.47 12.97
CA VAL A 177 -3.05 -3.69 11.75
C VAL A 177 -1.92 -3.83 10.73
N GLU A 178 -0.68 -3.97 11.19
CA GLU A 178 0.44 -4.11 10.27
C GLU A 178 0.33 -5.38 9.44
N ARG A 179 -0.07 -6.48 10.09
CA ARG A 179 -0.21 -7.75 9.40
C ARG A 179 -1.44 -7.75 8.51
N PHE A 180 -2.52 -7.16 8.99
CA PHE A 180 -3.76 -7.08 8.23
C PHE A 180 -3.62 -6.26 6.94
N ASN A 181 -2.96 -5.11 7.04
CA ASN A 181 -2.80 -4.28 5.86
C ASN A 181 -1.89 -4.93 4.82
N GLN A 182 -0.84 -5.59 5.28
CA GLN A 182 0.05 -6.27 4.35
C GLN A 182 -0.68 -7.45 3.72
N ALA A 183 -1.49 -8.13 4.53
CA ALA A 183 -2.26 -9.28 4.05
C ALA A 183 -3.23 -8.87 2.95
N MET A 184 -3.92 -7.75 3.14
CA MET A 184 -4.87 -7.27 2.15
C MET A 184 -4.18 -6.98 0.83
N MET A 185 -3.00 -6.36 0.87
CA MET A 185 -2.28 -6.06 -0.36
C MET A 185 -1.80 -7.35 -1.02
N ASP A 186 -1.31 -8.29 -0.22
CA ASP A 186 -0.87 -9.57 -0.78
C ASP A 186 -2.06 -10.29 -1.42
N LEU A 187 -3.20 -10.27 -0.74
CA LEU A 187 -4.41 -10.92 -1.24
C LEU A 187 -4.86 -10.35 -2.58
N GLY A 188 -4.90 -9.03 -2.69
CA GLY A 188 -5.33 -8.42 -3.93
C GLY A 188 -4.32 -8.58 -5.06
N ALA A 189 -3.05 -8.64 -4.70
CA ALA A 189 -2.00 -8.76 -5.70
C ALA A 189 -1.81 -10.17 -6.25
N MET A 190 -1.93 -11.18 -5.38
CA MET A 190 -1.71 -12.56 -5.80
C MET A 190 -2.89 -13.52 -5.88
N CYS A 192 -6.77 -12.36 -5.32
CA CYS A 192 -7.92 -11.70 -5.91
C CYS A 192 -7.48 -10.85 -7.09
N THR A 193 -7.04 -11.53 -8.14
CA THR A 193 -6.55 -10.87 -9.34
C THR A 193 -7.65 -10.34 -10.25
N ARG A 194 -7.30 -9.38 -11.08
CA ARG A 194 -8.25 -8.77 -12.02
C ARG A 194 -9.05 -9.81 -12.76
N SER A 195 -8.34 -10.76 -13.37
CA SER A 195 -9.00 -11.82 -14.11
C SER A 195 -8.80 -13.17 -13.42
N LYS A 196 -9.85 -13.98 -13.43
CA LYS A 196 -9.82 -15.32 -12.84
C LYS A 196 -9.23 -15.36 -11.44
N PRO A 197 -9.88 -14.70 -10.47
CA PRO A 197 -9.32 -14.75 -9.11
C PRO A 197 -9.28 -16.17 -8.55
N LYS A 198 -8.28 -16.45 -7.72
CA LYS A 198 -8.11 -17.78 -7.11
C LYS A 198 -8.90 -17.90 -5.81
N CYS A 199 -10.22 -17.82 -5.93
CA CYS A 199 -11.10 -17.88 -4.77
C CYS A 199 -10.90 -19.04 -3.80
N LEU A 201 -8.28 -20.21 -2.81
CA LEU A 201 -7.09 -19.96 -2.00
C LEU A 201 -7.31 -18.70 -1.17
N CYS A 202 -8.52 -18.15 -1.22
CA CYS A 202 -8.82 -16.93 -0.51
C CYS A 202 -9.50 -17.13 0.84
N PRO A 203 -9.00 -16.45 1.89
CA PRO A 203 -9.60 -16.59 3.21
C PRO A 203 -11.00 -16.01 3.34
N LEU A 204 -11.44 -15.26 2.35
CA LEU A 204 -12.76 -14.64 2.38
C LEU A 204 -13.78 -15.39 1.52
N GLN A 205 -13.38 -16.50 0.93
CA GLN A 205 -14.26 -17.24 0.05
C GLN A 205 -15.59 -17.73 0.64
N ASN A 206 -15.62 -17.95 1.95
CA ASN A 206 -16.85 -18.42 2.59
C ASN A 206 -17.93 -17.36 2.77
N GLY A 207 -17.58 -16.09 2.54
CA GLY A 207 -18.55 -15.02 2.71
C GLY A 207 -18.58 -14.00 1.59
N CYS A 208 -17.59 -14.07 0.70
CA CYS A 208 -17.50 -13.14 -0.42
C CYS A 208 -18.69 -13.27 -1.37
N ILE A 209 -19.40 -12.15 -1.60
CA ILE A 209 -20.55 -12.15 -2.49
C ILE A 209 -20.18 -12.49 -3.93
N ALA A 210 -19.08 -11.92 -4.43
CA ALA A 210 -18.65 -12.19 -5.79
C ALA A 210 -18.35 -13.67 -5.99
N ALA A 211 -17.72 -14.29 -4.99
CA ALA A 211 -17.41 -15.71 -5.09
C ALA A 211 -18.68 -16.54 -5.09
N ALA A 212 -19.63 -16.17 -4.23
CA ALA A 212 -20.89 -16.89 -4.15
C ALA A 212 -21.68 -16.83 -5.45
N ASN A 213 -21.66 -15.67 -6.10
CA ASN A 213 -22.40 -15.49 -7.35
C ASN A 213 -21.54 -15.65 -8.60
N ASN A 214 -20.27 -15.97 -8.43
CA ASN A 214 -19.35 -16.13 -9.56
C ASN A 214 -19.49 -14.87 -10.42
N SER A 215 -19.45 -13.73 -9.76
CA SER A 215 -19.63 -12.43 -10.41
C SER A 215 -18.50 -11.43 -10.20
N TRP A 216 -17.30 -11.92 -9.93
CA TRP A 216 -16.17 -11.00 -9.70
C TRP A 216 -15.94 -9.98 -10.80
N ALA A 217 -16.36 -10.31 -12.02
CA ALA A 217 -16.18 -9.42 -13.16
C ALA A 217 -16.92 -8.09 -13.01
N LEU A 218 -17.93 -8.07 -12.14
CA LEU A 218 -18.73 -6.86 -11.92
C LEU A 218 -18.16 -5.91 -10.88
N TYR A 219 -17.16 -6.37 -10.13
CA TYR A 219 -16.60 -5.57 -9.04
C TYR A 219 -15.08 -5.44 -9.08
N PRO A 220 -14.56 -4.20 -9.01
CA PRO A 220 -15.27 -2.92 -8.89
C PRO A 220 -15.85 -2.58 -10.26
N GLY A 221 -16.66 -1.53 -10.33
CA GLY A 221 -17.22 -1.14 -11.61
C GLY A 221 -16.17 -0.47 -12.46
N LYS A 222 -16.32 -0.57 -13.78
CA LYS A 222 -15.39 0.04 -14.70
C LYS A 222 -15.87 1.45 -15.05
N LYS A 223 -14.95 2.29 -15.51
CA LYS A 223 -15.29 3.66 -15.87
C LYS A 223 -16.39 3.69 -16.94
N PRO A 224 -17.53 4.31 -16.61
CA PRO A 224 -18.66 4.42 -17.54
C PRO A 224 -18.38 5.38 -18.70
N9 ADE B . 2.05 -3.08 -3.98
C8 ADE B . 1.78 -2.06 -3.16
N7 ADE B . 2.05 -2.30 -1.87
C5 ADE B . 2.52 -3.59 -1.88
C6 ADE B . 2.98 -4.47 -0.85
N6 ADE B . 3.02 -4.10 0.41
N1 ADE B . 3.40 -5.73 -1.25
C2 ADE B . 3.36 -6.09 -2.56
N3 ADE B . 2.94 -5.33 -3.61
C4 ADE B . 2.53 -4.08 -3.18
C1 EDO C . 24.35 12.58 0.26
O1 EDO C . 23.59 11.50 -0.30
C2 EDO C . 24.52 13.66 -0.75
O2 EDO C . 25.06 13.24 -2.04
C1 EDO D . -25.11 -4.89 -5.19
O1 EDO D . -23.97 -4.48 -5.99
C2 EDO D . -25.83 -5.99 -5.90
O2 EDO D . -25.07 -7.22 -6.10
C1 EDO E . -0.80 2.37 -0.14
O1 EDO E . -1.86 2.86 -0.99
C2 EDO E . -0.71 0.89 -0.26
O2 EDO E . -0.37 0.37 -1.59
FE1 SF4 F . -11.43 -13.75 -2.41
FE2 SF4 F . -11.56 -12.07 -4.45
FE3 SF4 F . -12.50 -14.63 -4.78
FE4 SF4 F . -13.85 -12.89 -3.22
S1 SF4 F . -13.47 -12.73 -5.53
S2 SF4 F . -13.31 -14.98 -2.67
S3 SF4 F . -12.24 -11.63 -2.29
S4 SF4 F . -10.35 -13.97 -4.45
#